data_5G46
#
_entry.id   5G46
#
_cell.length_a   61.960
_cell.length_b   61.960
_cell.length_c   154.570
_cell.angle_alpha   90.00
_cell.angle_beta   90.00
_cell.angle_gamma   90.00
#
_symmetry.space_group_name_H-M   'P 41 21 2'
#
loop_
_entity.id
_entity.type
_entity.pdbx_description
1 polymer 'NUCLEAR RECEPTOR ROR-GAMMA'
2 polymer RORG
3 non-polymer 2-ETHYL-4(1H)-QUINOLINONE
4 non-polymer 'SODIUM ION'
5 water water
#
loop_
_entity_poly.entity_id
_entity_poly.type
_entity_poly.pdbx_seq_one_letter_code
_entity_poly.pdbx_strand_id
1 'polypeptide(L)'
;HNHNHNHNHNHNGGENLYFQGASLTEIEHLVQSVCKSYRETCQLRLEDLLRQRSNIFSREEVTGYQRKSMWEMWERCAHH
LTEAIQYVVEFAKRLSGFMELCQNDQIVLLKAGAMEVVLVRMCRAYNADNRTVFFEGKYGGMELFRALGCSELISSIFDF
SHSLSALHFSEDEIALYTALVLINAHRPGLQEKRKVEQLQYNLELAFHHHLCKTHRQSILAKLPPKGKLRSLCSQHVERL
QIFQHLHPIVVQAAFPPLYKELFSGG
;
A
2 'polypeptide(L)' KILHRLLQDS C
#
loop_
_chem_comp.id
_chem_comp.type
_chem_comp.name
_chem_comp.formula
6VD non-polymer 2-ETHYL-4(1H)-QUINOLINONE 'C11 H11 N O'
NA non-polymer 'SODIUM ION' 'Na 1'
#
# COMPACT_ATOMS: atom_id res chain seq x y z
N GLY A 21 -2.65 -28.86 0.81
CA GLY A 21 -3.96 -29.48 0.60
C GLY A 21 -4.97 -29.09 1.65
N ALA A 22 -5.34 -27.78 1.70
CA ALA A 22 -6.28 -27.20 2.66
C ALA A 22 -7.75 -27.57 2.40
N SER A 23 -8.53 -27.79 3.49
CA SER A 23 -9.97 -28.13 3.45
C SER A 23 -10.83 -26.86 3.54
N LEU A 24 -12.16 -26.99 3.38
CA LEU A 24 -13.11 -25.88 3.47
C LEU A 24 -13.11 -25.19 4.85
N THR A 25 -13.03 -25.99 5.91
CA THR A 25 -12.97 -25.49 7.28
C THR A 25 -11.71 -24.66 7.45
N GLU A 26 -10.58 -25.13 6.92
CA GLU A 26 -9.31 -24.41 7.05
C GLU A 26 -9.36 -23.11 6.27
N ILE A 27 -10.03 -23.15 5.07
CA ILE A 27 -10.19 -21.96 4.23
C ILE A 27 -10.98 -20.90 4.96
N GLU A 28 -12.09 -21.26 5.64
CA GLU A 28 -12.88 -20.27 6.38
C GLU A 28 -12.07 -19.68 7.52
N HIS A 29 -11.23 -20.51 8.21
CA HIS A 29 -10.37 -20.01 9.28
C HIS A 29 -9.37 -18.98 8.72
N LEU A 30 -8.78 -19.27 7.57
CA LEU A 30 -7.83 -18.37 6.90
C LEU A 30 -8.51 -17.03 6.59
N VAL A 31 -9.78 -17.05 6.10
CA VAL A 31 -10.53 -15.80 5.82
C VAL A 31 -10.58 -14.94 7.08
N GLN A 32 -11.00 -15.55 8.21
CA GLN A 32 -11.11 -14.81 9.46
C GLN A 32 -9.78 -14.31 9.96
N SER A 33 -8.72 -15.13 9.80
CA SER A 33 -7.38 -14.77 10.24
C SER A 33 -6.85 -13.54 9.50
N VAL A 34 -6.95 -13.57 8.16
CA VAL A 34 -6.50 -12.44 7.30
C VAL A 34 -7.28 -11.18 7.65
N CYS A 35 -8.62 -11.31 7.75
CA CYS A 35 -9.46 -10.14 8.08
C CYS A 35 -9.09 -9.52 9.43
N LYS A 36 -8.79 -10.39 10.42
CA LYS A 36 -8.35 -9.95 11.76
C LYS A 36 -6.96 -9.24 11.67
N SER A 37 -5.99 -9.82 10.95
CA SER A 37 -4.64 -9.27 10.75
C SER A 37 -4.73 -7.88 10.11
N TYR A 38 -5.63 -7.74 9.17
CA TYR A 38 -5.82 -6.48 8.50
C TYR A 38 -6.42 -5.42 9.45
N ARG A 39 -7.53 -5.74 10.15
CA ARG A 39 -8.18 -4.78 11.06
C ARG A 39 -7.21 -4.25 12.09
N GLU A 40 -6.34 -5.14 12.62
CA GLU A 40 -5.31 -4.83 13.61
C GLU A 40 -4.18 -3.96 13.10
N THR A 41 -4.00 -3.90 11.77
CA THR A 41 -2.85 -3.17 11.20
C THR A 41 -3.26 -2.03 10.30
N CYS A 42 -4.48 -1.54 10.51
CA CYS A 42 -4.96 -0.36 9.81
C CYS A 42 -4.40 0.84 10.53
N GLN A 43 -3.82 1.74 9.79
CA GLN A 43 -3.30 2.98 10.34
C GLN A 43 -4.51 3.82 10.80
N LEU A 44 -5.56 3.84 9.99
CA LEU A 44 -6.77 4.64 10.22
C LEU A 44 -7.98 3.72 10.07
N ARG A 45 -8.92 3.78 11.02
CA ARG A 45 -10.17 3.02 10.91
C ARG A 45 -10.97 3.66 9.77
N LEU A 46 -11.69 2.85 8.98
CA LEU A 46 -12.45 3.36 7.82
C LEU A 46 -13.46 4.42 8.29
N GLU A 47 -14.13 4.16 9.43
CA GLU A 47 -15.12 5.07 10.04
C GLU A 47 -14.47 6.41 10.36
N ASP A 48 -13.21 6.42 10.82
CA ASP A 48 -12.52 7.69 11.09
C ASP A 48 -12.30 8.46 9.77
N LEU A 49 -11.90 7.77 8.67
CA LEU A 49 -11.68 8.44 7.37
C LEU A 49 -12.99 9.00 6.82
N LEU A 50 -14.09 8.23 6.93
CA LEU A 50 -15.38 8.69 6.39
C LEU A 50 -15.90 9.86 7.19
N ARG A 51 -15.74 9.84 8.52
CA ARG A 51 -16.20 10.94 9.40
C ARG A 51 -15.44 12.26 9.18
N GLN A 52 -14.25 12.20 8.51
CA GLN A 52 -13.43 13.39 8.26
C GLN A 52 -13.68 13.99 6.88
N ARG A 53 -14.59 13.40 6.09
CA ARG A 53 -14.78 13.84 4.70
C ARG A 53 -15.14 15.30 4.46
N SER A 54 -15.81 15.95 5.42
CA SER A 54 -16.13 17.36 5.25
C SER A 54 -14.96 18.27 5.73
N ASN A 55 -13.90 17.67 6.31
CA ASN A 55 -12.71 18.42 6.78
C ASN A 55 -11.74 18.54 5.57
N ILE A 56 -11.94 19.61 4.75
CA ILE A 56 -11.22 19.83 3.49
C ILE A 56 -10.30 21.05 3.61
N PHE A 57 -9.07 20.95 3.05
CA PHE A 57 -8.14 22.07 3.07
C PHE A 57 -8.76 23.27 2.35
N SER A 58 -8.70 24.44 2.96
CA SER A 58 -9.24 25.65 2.33
C SER A 58 -8.33 26.06 1.13
N ARG A 59 -8.77 27.04 0.32
CA ARG A 59 -7.94 27.52 -0.81
C ARG A 59 -6.59 28.11 -0.30
N GLU A 60 -6.60 28.78 0.89
CA GLU A 60 -5.40 29.38 1.49
C GLU A 60 -4.43 28.27 1.88
N GLU A 61 -4.95 27.17 2.45
CA GLU A 61 -4.13 26.04 2.85
C GLU A 61 -3.53 25.34 1.62
N VAL A 62 -4.31 25.13 0.55
CA VAL A 62 -3.83 24.52 -0.71
C VAL A 62 -2.69 25.38 -1.25
N THR A 63 -2.89 26.73 -1.30
CA THR A 63 -1.85 27.68 -1.76
C THR A 63 -0.56 27.51 -0.93
N GLY A 64 -0.71 27.38 0.39
CA GLY A 64 0.40 27.15 1.29
C GLY A 64 1.17 25.89 0.92
N TYR A 65 0.44 24.81 0.60
CA TYR A 65 1.14 23.57 0.18
C TYR A 65 1.83 23.78 -1.15
N GLN A 66 1.18 24.50 -2.09
CA GLN A 66 1.78 24.70 -3.41
C GLN A 66 3.01 25.57 -3.36
N ARG A 67 3.11 26.44 -2.33
CA ARG A 67 4.26 27.33 -2.13
C ARG A 67 5.40 26.67 -1.39
N LYS A 68 5.18 25.45 -0.85
CA LYS A 68 6.26 24.72 -0.17
C LYS A 68 7.34 24.36 -1.16
N SER A 69 8.59 24.24 -0.68
CA SER A 69 9.63 23.88 -1.62
C SER A 69 9.47 22.42 -2.06
N MET A 70 9.99 22.11 -3.26
CA MET A 70 9.95 20.74 -3.78
C MET A 70 10.55 19.75 -2.75
N TRP A 71 11.71 20.13 -2.15
CA TRP A 71 12.35 19.27 -1.15
C TRP A 71 11.55 19.06 0.15
N GLU A 72 10.88 20.11 0.65
CA GLU A 72 10.07 19.99 1.87
C GLU A 72 8.87 19.07 1.60
N MET A 73 8.24 19.23 0.43
CA MET A 73 7.09 18.39 0.05
C MET A 73 7.48 16.94 -0.14
N TRP A 74 8.66 16.66 -0.78
CA TRP A 74 9.13 15.29 -0.96
C TRP A 74 9.41 14.61 0.38
N GLU A 75 10.06 15.35 1.31
CA GLU A 75 10.33 14.80 2.64
C GLU A 75 9.02 14.46 3.40
N ARG A 76 8.03 15.34 3.33
CA ARG A 76 6.73 15.15 4.01
C ARG A 76 6.04 13.93 3.42
N CYS A 77 6.01 13.82 2.09
CA CYS A 77 5.40 12.67 1.43
C CYS A 77 6.13 11.35 1.72
N ALA A 78 7.47 11.36 1.77
CA ALA A 78 8.25 10.17 2.07
C ALA A 78 7.99 9.75 3.52
N HIS A 79 7.86 10.72 4.44
CA HIS A 79 7.55 10.42 5.84
C HIS A 79 6.16 9.74 5.91
N HIS A 80 5.16 10.33 5.27
CA HIS A 80 3.81 9.76 5.26
C HIS A 80 3.75 8.37 4.65
N LEU A 81 4.47 8.15 3.53
CA LEU A 81 4.55 6.82 2.90
C LEU A 81 5.22 5.82 3.85
N THR A 82 6.33 6.24 4.50
CA THR A 82 7.04 5.37 5.44
C THR A 82 6.15 4.94 6.58
N GLU A 83 5.34 5.86 7.17
CA GLU A 83 4.41 5.50 8.26
C GLU A 83 3.44 4.41 7.78
N ALA A 84 2.87 4.58 6.58
CA ALA A 84 1.93 3.63 5.97
C ALA A 84 2.63 2.28 5.76
N ILE A 85 3.88 2.31 5.27
CA ILE A 85 4.63 1.07 5.05
C ILE A 85 4.86 0.29 6.35
N GLN A 86 5.20 0.99 7.46
CA GLN A 86 5.38 0.35 8.77
C GLN A 86 4.16 -0.50 9.15
N TYR A 87 2.94 -0.03 8.84
CA TYR A 87 1.74 -0.79 9.13
C TYR A 87 1.65 -2.03 8.22
N VAL A 88 2.12 -1.89 6.97
CA VAL A 88 2.09 -3.02 6.03
C VAL A 88 3.06 -4.10 6.52
N VAL A 89 4.23 -3.68 7.03
CA VAL A 89 5.18 -4.65 7.58
C VAL A 89 4.52 -5.44 8.71
N GLU A 90 3.81 -4.74 9.61
CA GLU A 90 3.10 -5.37 10.71
C GLU A 90 1.97 -6.30 10.21
N PHE A 91 1.28 -5.90 9.14
CA PHE A 91 0.25 -6.74 8.53
C PHE A 91 0.92 -8.07 8.07
N ALA A 92 2.04 -7.95 7.33
CA ALA A 92 2.79 -9.12 6.86
C ALA A 92 3.20 -10.02 8.01
N LYS A 93 3.73 -9.44 9.08
CA LYS A 93 4.18 -10.23 10.22
C LYS A 93 3.04 -11.01 10.85
N ARG A 94 1.81 -10.44 10.81
CA ARG A 94 0.64 -11.13 11.36
C ARG A 94 0.01 -12.11 10.39
N LEU A 95 0.35 -12.00 9.12
CA LEU A 95 -0.24 -12.80 8.06
C LEU A 95 0.16 -14.26 8.13
N SER A 96 -0.87 -15.09 8.34
CA SER A 96 -0.71 -16.53 8.50
C SER A 96 0.21 -17.09 7.43
N GLY A 97 1.32 -17.71 7.85
CA GLY A 97 2.29 -18.31 6.94
C GLY A 97 3.45 -17.44 6.50
N PHE A 98 3.33 -16.09 6.63
CA PHE A 98 4.44 -15.22 6.21
C PHE A 98 5.69 -15.39 7.05
N MET A 99 5.57 -15.40 8.38
CA MET A 99 6.72 -15.56 9.26
C MET A 99 7.37 -16.95 9.17
N GLU A 100 6.71 -17.93 8.52
CA GLU A 100 7.26 -19.27 8.28
C GLU A 100 8.20 -19.32 7.06
N LEU A 101 8.16 -18.29 6.20
CA LEU A 101 9.08 -18.24 5.05
C LEU A 101 10.45 -17.82 5.58
N CYS A 102 11.53 -18.08 4.82
CA CYS A 102 12.86 -17.66 5.22
C CYS A 102 12.95 -16.12 5.19
N GLN A 103 13.91 -15.53 5.94
CA GLN A 103 14.07 -14.08 5.98
C GLN A 103 14.35 -13.49 4.62
N ASN A 104 15.12 -14.19 3.76
CA ASN A 104 15.37 -13.66 2.42
C ASN A 104 14.03 -13.43 1.70
N ASP A 105 13.13 -14.42 1.77
CA ASP A 105 11.83 -14.35 1.06
C ASP A 105 10.90 -13.31 1.67
N GLN A 106 10.91 -13.17 3.00
CA GLN A 106 10.12 -12.14 3.69
C GLN A 106 10.53 -10.75 3.17
N ILE A 107 11.86 -10.54 3.00
CA ILE A 107 12.38 -9.24 2.55
C ILE A 107 12.07 -9.01 1.07
N VAL A 108 12.21 -10.05 0.22
CA VAL A 108 11.87 -9.96 -1.21
C VAL A 108 10.39 -9.55 -1.32
N LEU A 109 9.51 -10.25 -0.61
CA LEU A 109 8.08 -9.96 -0.72
C LEU A 109 7.73 -8.57 -0.24
N LEU A 110 8.36 -8.09 0.85
CA LEU A 110 8.06 -6.75 1.36
C LEU A 110 8.67 -5.69 0.47
N LYS A 111 9.89 -5.91 -0.02
CA LYS A 111 10.48 -4.88 -0.91
C LYS A 111 9.69 -4.69 -2.18
N ALA A 112 9.16 -5.79 -2.75
CA ALA A 112 8.39 -5.70 -3.99
C ALA A 112 6.93 -5.29 -3.76
N GLY A 113 6.36 -5.69 -2.63
CA GLY A 113 4.92 -5.55 -2.40
C GLY A 113 4.43 -4.49 -1.43
N ALA A 114 5.31 -3.97 -0.55
CA ALA A 114 4.86 -3.00 0.48
C ALA A 114 4.17 -1.78 -0.15
N MET A 115 4.81 -1.18 -1.15
CA MET A 115 4.25 -0.01 -1.86
C MET A 115 2.95 -0.39 -2.57
N GLU A 116 2.88 -1.61 -3.15
CA GLU A 116 1.66 -2.02 -3.85
C GLU A 116 0.51 -2.09 -2.86
N VAL A 117 0.76 -2.64 -1.63
CA VAL A 117 -0.31 -2.74 -0.61
C VAL A 117 -0.71 -1.32 -0.16
N VAL A 118 0.27 -0.43 0.02
CA VAL A 118 -0.06 0.96 0.39
C VAL A 118 -0.93 1.62 -0.69
N LEU A 119 -0.56 1.40 -1.96
CA LEU A 119 -1.35 1.98 -3.06
C LEU A 119 -2.81 1.48 -3.04
N VAL A 120 -3.03 0.19 -2.74
CA VAL A 120 -4.39 -0.36 -2.66
C VAL A 120 -5.10 0.21 -1.39
N ARG A 121 -4.42 0.18 -0.24
CA ARG A 121 -4.98 0.71 1.03
C ARG A 121 -5.39 2.17 0.90
N MET A 122 -4.67 2.93 0.05
CA MET A 122 -4.94 4.35 -0.17
C MET A 122 -6.38 4.67 -0.65
N CYS A 123 -7.04 3.72 -1.37
CA CYS A 123 -8.41 3.95 -1.84
C CYS A 123 -9.40 4.24 -0.71
N ARG A 124 -9.13 3.73 0.50
CA ARG A 124 -9.97 3.97 1.71
C ARG A 124 -9.92 5.45 2.11
N ALA A 125 -8.77 6.11 1.86
CA ALA A 125 -8.53 7.51 2.23
C ALA A 125 -8.85 8.47 1.11
N TYR A 126 -9.38 7.93 0.01
CA TYR A 126 -9.76 8.68 -1.17
C TYR A 126 -11.26 8.82 -1.27
N ASN A 127 -11.71 10.06 -1.43
CA ASN A 127 -13.14 10.39 -1.55
C ASN A 127 -13.44 10.62 -3.04
N ALA A 128 -14.01 9.60 -3.70
CA ALA A 128 -14.39 9.67 -5.11
C ALA A 128 -15.43 10.80 -5.41
N ASP A 129 -16.24 11.21 -4.42
CA ASP A 129 -17.25 12.26 -4.61
C ASP A 129 -16.67 13.65 -4.97
N ASN A 130 -15.47 13.99 -4.46
CA ASN A 130 -14.86 15.29 -4.76
C ASN A 130 -13.39 15.12 -5.21
N ARG A 131 -12.92 13.86 -5.42
CA ARG A 131 -11.56 13.53 -5.87
C ARG A 131 -10.48 14.10 -4.93
N THR A 132 -10.68 13.90 -3.63
CA THR A 132 -9.72 14.33 -2.62
C THR A 132 -9.19 13.12 -1.87
N VAL A 133 -8.03 13.30 -1.24
CA VAL A 133 -7.38 12.27 -0.43
C VAL A 133 -7.05 12.83 0.95
N PHE A 134 -7.13 11.99 1.98
CA PHE A 134 -6.83 12.39 3.35
C PHE A 134 -5.31 12.47 3.49
N PHE A 135 -4.81 13.67 3.79
CA PHE A 135 -3.38 13.87 3.90
C PHE A 135 -3.09 14.90 4.97
N GLU A 136 -2.27 14.56 5.97
CA GLU A 136 -1.91 15.51 7.04
C GLU A 136 -3.13 16.13 7.75
N GLY A 137 -4.12 15.29 8.07
CA GLY A 137 -5.27 15.71 8.85
C GLY A 137 -6.50 16.24 8.16
N LYS A 138 -6.44 16.55 6.85
CA LYS A 138 -7.62 16.99 6.11
C LYS A 138 -7.63 16.38 4.69
N TYR A 139 -8.73 16.57 3.95
CA TYR A 139 -8.82 16.13 2.56
C TYR A 139 -8.37 17.20 1.60
N GLY A 140 -7.55 16.83 0.64
CA GLY A 140 -7.10 17.74 -0.41
C GLY A 140 -7.08 17.08 -1.77
N GLY A 141 -7.27 17.88 -2.82
CA GLY A 141 -7.22 17.45 -4.21
C GLY A 141 -5.81 17.19 -4.70
N MET A 142 -5.65 16.71 -5.94
CA MET A 142 -4.29 16.46 -6.42
C MET A 142 -3.44 17.74 -6.54
N GLU A 143 -4.10 18.89 -6.67
CA GLU A 143 -3.42 20.20 -6.72
C GLU A 143 -2.61 20.47 -5.44
N LEU A 144 -2.93 19.80 -4.31
CA LEU A 144 -2.18 19.94 -3.06
C LEU A 144 -0.69 19.55 -3.27
N PHE A 145 -0.43 18.62 -4.20
CA PHE A 145 0.86 17.99 -4.43
C PHE A 145 1.68 18.60 -5.54
N ARG A 146 1.20 19.74 -6.10
CA ARG A 146 1.89 20.38 -7.21
C ARG A 146 3.38 20.69 -6.97
N ALA A 147 3.79 21.02 -5.72
CA ALA A 147 5.21 21.32 -5.50
C ALA A 147 6.18 20.17 -5.72
N LEU A 148 5.68 18.91 -5.72
CA LEU A 148 6.56 17.74 -5.88
C LEU A 148 7.17 17.69 -7.27
N GLY A 149 6.50 18.28 -8.25
CA GLY A 149 6.96 18.21 -9.63
C GLY A 149 6.95 16.80 -10.17
N CYS A 150 5.87 16.06 -9.87
CA CYS A 150 5.65 14.73 -10.42
C CYS A 150 4.14 14.57 -10.67
N SER A 151 3.59 15.49 -11.50
CA SER A 151 2.18 15.60 -11.86
C SER A 151 1.63 14.35 -12.49
N GLU A 152 2.40 13.72 -13.38
CA GLU A 152 1.98 12.49 -14.03
C GLU A 152 1.82 11.35 -13.01
N LEU A 153 2.80 11.19 -12.09
CA LEU A 153 2.73 10.15 -11.05
C LEU A 153 1.53 10.39 -10.13
N ILE A 154 1.36 11.62 -9.61
CA ILE A 154 0.23 11.98 -8.74
C ILE A 154 -1.11 11.71 -9.44
N SER A 155 -1.31 12.21 -10.68
CA SER A 155 -2.57 11.95 -11.39
C SER A 155 -2.85 10.44 -11.62
N SER A 156 -1.80 9.64 -11.90
CA SER A 156 -1.94 8.17 -12.06
C SER A 156 -2.42 7.51 -10.75
N ILE A 157 -1.89 7.96 -9.60
CA ILE A 157 -2.26 7.43 -8.28
C ILE A 157 -3.69 7.80 -7.97
N PHE A 158 -4.07 9.03 -8.28
CA PHE A 158 -5.44 9.50 -8.03
C PHE A 158 -6.41 8.71 -8.95
N ASP A 159 -6.03 8.49 -10.22
CA ASP A 159 -6.84 7.72 -11.20
C ASP A 159 -7.03 6.28 -10.67
N PHE A 160 -5.94 5.67 -10.20
CA PHE A 160 -5.94 4.33 -9.63
C PHE A 160 -6.86 4.23 -8.42
N SER A 161 -6.75 5.16 -7.48
CA SER A 161 -7.60 5.22 -6.30
C SER A 161 -9.07 5.44 -6.69
N HIS A 162 -9.33 6.25 -7.73
CA HIS A 162 -10.69 6.54 -8.21
C HIS A 162 -11.33 5.23 -8.76
N SER A 163 -10.57 4.50 -9.56
CA SER A 163 -10.99 3.23 -10.15
C SER A 163 -11.21 2.16 -9.10
N LEU A 164 -10.33 2.10 -8.06
CA LEU A 164 -10.58 1.14 -6.96
C LEU A 164 -11.78 1.51 -6.14
N SER A 165 -12.00 2.83 -5.89
CA SER A 165 -13.15 3.28 -5.11
C SER A 165 -14.47 2.87 -5.77
N ALA A 166 -14.49 2.79 -7.10
CA ALA A 166 -15.67 2.37 -7.89
C ALA A 166 -16.07 0.91 -7.63
N LEU A 167 -15.15 0.08 -7.07
CA LEU A 167 -15.42 -1.32 -6.76
C LEU A 167 -16.19 -1.48 -5.47
N HIS A 168 -16.23 -0.40 -4.62
CA HIS A 168 -16.90 -0.39 -3.32
C HIS A 168 -16.41 -1.53 -2.43
N PHE A 169 -15.09 -1.70 -2.32
CA PHE A 169 -14.57 -2.79 -1.49
C PHE A 169 -15.07 -2.70 -0.07
N SER A 170 -15.33 -3.86 0.56
CA SER A 170 -15.59 -3.90 1.97
C SER A 170 -14.21 -4.02 2.63
N GLU A 171 -14.13 -3.84 3.95
CA GLU A 171 -12.85 -3.99 4.66
C GLU A 171 -12.32 -5.41 4.52
N ASP A 172 -13.19 -6.43 4.58
CA ASP A 172 -12.78 -7.83 4.43
C ASP A 172 -12.22 -8.09 3.04
N GLU A 173 -12.78 -7.48 2.00
CA GLU A 173 -12.28 -7.68 0.64
C GLU A 173 -10.91 -7.06 0.50
N ILE A 174 -10.71 -5.83 1.04
CA ILE A 174 -9.36 -5.20 0.99
C ILE A 174 -8.34 -6.09 1.71
N ALA A 175 -8.71 -6.63 2.87
CA ALA A 175 -7.83 -7.51 3.69
C ALA A 175 -7.37 -8.70 2.81
N LEU A 176 -8.33 -9.39 2.21
CA LEU A 176 -8.02 -10.58 1.41
C LEU A 176 -7.21 -10.27 0.17
N TYR A 177 -7.59 -9.17 -0.52
CA TYR A 177 -6.94 -8.76 -1.74
C TYR A 177 -5.50 -8.30 -1.45
N THR A 178 -5.30 -7.47 -0.39
CA THR A 178 -3.95 -7.01 -0.04
C THR A 178 -3.05 -8.16 0.40
N ALA A 179 -3.60 -9.21 1.07
CA ALA A 179 -2.79 -10.41 1.45
C ALA A 179 -2.24 -11.01 0.16
N LEU A 180 -3.06 -11.07 -0.91
CA LEU A 180 -2.61 -11.62 -2.18
C LEU A 180 -1.64 -10.73 -2.91
N VAL A 181 -1.81 -9.41 -2.82
CA VAL A 181 -0.87 -8.48 -3.44
C VAL A 181 0.53 -8.75 -2.85
N LEU A 182 0.60 -8.99 -1.52
CA LEU A 182 1.85 -9.24 -0.85
C LEU A 182 2.42 -10.64 -1.12
N ILE A 183 1.57 -11.66 -0.98
CA ILE A 183 2.01 -13.05 -1.19
C ILE A 183 1.94 -13.38 -2.65
N ASN A 184 2.99 -12.98 -3.38
CA ASN A 184 3.10 -13.13 -4.83
C ASN A 184 4.28 -14.01 -5.13
N ALA A 185 4.01 -15.25 -5.57
CA ALA A 185 5.04 -16.25 -5.83
C ALA A 185 5.91 -15.94 -7.07
N HIS A 186 5.51 -14.95 -7.87
CA HIS A 186 6.24 -14.56 -9.08
C HIS A 186 7.35 -13.54 -8.79
N ARG A 187 7.50 -13.05 -7.52
CA ARG A 187 8.54 -12.02 -7.29
C ARG A 187 9.92 -12.59 -7.62
N PRO A 188 10.76 -11.88 -8.39
CA PRO A 188 12.15 -12.39 -8.60
C PRO A 188 12.92 -12.43 -7.28
N GLY A 189 13.75 -13.44 -7.09
CA GLY A 189 14.59 -13.53 -5.90
C GLY A 189 14.13 -14.45 -4.79
N LEU A 190 12.93 -15.08 -4.95
CA LEU A 190 12.42 -16.00 -3.93
C LEU A 190 13.17 -17.30 -3.99
N GLN A 191 13.65 -17.72 -2.83
CA GLN A 191 14.39 -18.97 -2.70
C GLN A 191 13.46 -20.15 -2.52
N GLU A 192 12.39 -20.00 -1.71
CA GLU A 192 11.43 -21.08 -1.49
C GLU A 192 10.17 -20.79 -2.29
N LYS A 193 10.31 -20.73 -3.63
CA LYS A 193 9.25 -20.40 -4.57
C LYS A 193 8.03 -21.30 -4.42
N ARG A 194 8.23 -22.62 -4.26
CA ARG A 194 7.09 -23.55 -4.05
C ARG A 194 6.30 -23.27 -2.77
N LYS A 195 7.00 -22.96 -1.66
CA LYS A 195 6.33 -22.65 -0.38
C LYS A 195 5.45 -21.39 -0.55
N VAL A 196 5.98 -20.38 -1.26
CA VAL A 196 5.21 -19.15 -1.53
C VAL A 196 4.01 -19.44 -2.44
N GLU A 197 4.20 -20.31 -3.48
CA GLU A 197 3.08 -20.69 -4.37
C GLU A 197 1.95 -21.32 -3.55
N GLN A 198 2.32 -22.13 -2.54
CA GLN A 198 1.30 -22.83 -1.72
C GLN A 198 0.52 -21.83 -0.87
N LEU A 199 1.23 -20.87 -0.24
CA LEU A 199 0.58 -19.86 0.59
C LEU A 199 -0.31 -18.99 -0.31
N GLN A 200 0.19 -18.62 -1.49
CA GLN A 200 -0.55 -17.79 -2.46
C GLN A 200 -1.83 -18.54 -2.90
N TYR A 201 -1.71 -19.85 -3.22
CA TYR A 201 -2.87 -20.66 -3.57
C TYR A 201 -3.93 -20.68 -2.46
N ASN A 202 -3.52 -20.89 -1.19
CA ASN A 202 -4.44 -20.89 -0.03
C ASN A 202 -5.11 -19.52 0.15
N LEU A 203 -4.34 -18.43 -0.01
CA LEU A 203 -4.95 -17.08 0.13
C LEU A 203 -5.91 -16.77 -1.01
N GLU A 204 -5.59 -17.27 -2.21
CA GLU A 204 -6.46 -17.11 -3.39
C GLU A 204 -7.78 -17.84 -3.14
N LEU A 205 -7.71 -19.07 -2.58
CA LEU A 205 -8.92 -19.82 -2.19
C LEU A 205 -9.71 -19.04 -1.14
N ALA A 206 -9.03 -18.51 -0.11
CA ALA A 206 -9.71 -17.77 0.95
C ALA A 206 -10.46 -16.56 0.34
N PHE A 207 -9.78 -15.83 -0.53
CA PHE A 207 -10.36 -14.65 -1.19
C PHE A 207 -11.56 -15.02 -2.06
N HIS A 208 -11.37 -16.00 -2.96
CA HIS A 208 -12.41 -16.42 -3.90
C HIS A 208 -13.58 -17.07 -3.14
N HIS A 209 -13.29 -17.77 -2.03
CA HIS A 209 -14.36 -18.37 -1.18
C HIS A 209 -15.20 -17.26 -0.55
N HIS A 210 -14.54 -16.21 -0.02
CA HIS A 210 -15.26 -15.08 0.57
C HIS A 210 -16.14 -14.37 -0.46
N LEU A 211 -15.59 -14.14 -1.65
CA LEU A 211 -16.35 -13.47 -2.72
C LEU A 211 -17.55 -14.33 -3.10
N CYS A 212 -17.34 -15.64 -3.21
CA CYS A 212 -18.42 -16.56 -3.57
C CYS A 212 -19.52 -16.54 -2.50
N LYS A 213 -19.13 -16.59 -1.20
CA LYS A 213 -20.08 -16.57 -0.08
C LYS A 213 -20.90 -15.27 0.03
N THR A 214 -20.32 -14.13 -0.37
CA THR A 214 -20.97 -12.81 -0.29
C THR A 214 -21.50 -12.33 -1.63
N HIS A 215 -21.50 -13.20 -2.67
CA HIS A 215 -21.99 -12.91 -4.01
C HIS A 215 -21.29 -11.69 -4.61
N ARG A 216 -19.95 -11.66 -4.47
CA ARG A 216 -19.18 -10.55 -4.97
C ARG A 216 -18.15 -11.02 -5.99
N GLN A 217 -18.40 -12.20 -6.63
CA GLN A 217 -17.47 -12.71 -7.62
C GLN A 217 -17.33 -11.83 -8.87
N SER A 218 -18.28 -10.90 -9.09
CA SER A 218 -18.22 -9.94 -10.18
C SER A 218 -16.95 -9.06 -10.11
N ILE A 219 -16.45 -8.78 -8.90
CA ILE A 219 -15.24 -7.93 -8.78
C ILE A 219 -13.97 -8.55 -9.37
N LEU A 220 -13.91 -9.89 -9.52
CA LEU A 220 -12.71 -10.57 -10.03
C LEU A 220 -12.20 -9.99 -11.34
N ALA A 221 -13.12 -9.72 -12.26
CA ALA A 221 -12.82 -9.17 -13.59
C ALA A 221 -12.50 -7.69 -13.51
N LYS A 222 -12.86 -7.04 -12.40
CA LYS A 222 -12.71 -5.60 -12.23
C LYS A 222 -11.46 -5.20 -11.46
N LEU A 223 -10.72 -6.16 -10.91
CA LEU A 223 -9.47 -5.89 -10.18
C LEU A 223 -8.37 -5.42 -11.15
N PRO A 224 -7.43 -4.56 -10.71
CA PRO A 224 -6.38 -4.14 -11.64
C PRO A 224 -5.46 -5.30 -12.04
N PRO A 225 -4.89 -5.31 -13.25
CA PRO A 225 -3.89 -6.35 -13.56
C PRO A 225 -2.62 -6.06 -12.72
N LYS A 226 -1.81 -7.09 -12.41
CA LYS A 226 -0.56 -6.93 -11.63
C LYS A 226 0.42 -5.93 -12.26
N GLY A 227 0.37 -5.82 -13.59
CA GLY A 227 1.17 -4.88 -14.36
C GLY A 227 0.87 -3.43 -14.02
N LYS A 228 -0.39 -3.14 -13.66
CA LYS A 228 -0.79 -1.80 -13.25
C LYS A 228 -0.07 -1.40 -11.94
N LEU A 229 -0.09 -2.28 -10.92
CA LEU A 229 0.57 -2.02 -9.64
C LEU A 229 2.08 -1.87 -9.86
N ARG A 230 2.66 -2.71 -10.76
CA ARG A 230 4.07 -2.66 -11.13
C ARG A 230 4.44 -1.32 -11.78
N SER A 231 3.60 -0.84 -12.71
CA SER A 231 3.81 0.43 -13.41
C SER A 231 3.86 1.60 -12.40
N LEU A 232 2.90 1.64 -11.49
CA LEU A 232 2.83 2.71 -10.47
C LEU A 232 4.06 2.71 -9.59
N CYS A 233 4.51 1.52 -9.15
CA CYS A 233 5.73 1.44 -8.31
C CYS A 233 6.95 1.83 -9.07
N SER A 234 7.02 1.46 -10.35
CA SER A 234 8.17 1.84 -11.18
C SER A 234 8.22 3.35 -11.37
N GLN A 235 7.05 4.00 -11.60
CA GLN A 235 6.97 5.45 -11.75
C GLN A 235 7.43 6.15 -10.46
N HIS A 236 7.07 5.58 -9.30
CA HIS A 236 7.47 6.17 -8.01
C HIS A 236 9.01 6.17 -7.90
N VAL A 237 9.66 5.02 -8.15
CA VAL A 237 11.12 4.92 -8.08
C VAL A 237 11.78 5.87 -9.08
N GLU A 238 11.22 6.01 -10.28
CA GLU A 238 11.77 6.91 -11.31
C GLU A 238 11.72 8.38 -10.84
N ARG A 239 10.60 8.82 -10.29
CA ARG A 239 10.44 10.21 -9.85
C ARG A 239 11.34 10.45 -8.63
N LEU A 240 11.51 9.41 -7.78
CA LEU A 240 12.44 9.51 -6.64
C LEU A 240 13.87 9.74 -7.17
N GLN A 241 14.29 8.98 -8.22
CA GLN A 241 15.63 9.14 -8.77
C GLN A 241 15.87 10.56 -9.30
N ILE A 242 14.87 11.15 -9.98
CA ILE A 242 14.95 12.53 -10.49
C ILE A 242 15.14 13.46 -9.29
N PHE A 243 14.28 13.34 -8.26
CA PHE A 243 14.43 14.19 -7.07
C PHE A 243 15.80 14.01 -6.41
N GLN A 244 16.27 12.75 -6.28
CA GLN A 244 17.55 12.43 -5.66
C GLN A 244 18.69 13.12 -6.41
N HIS A 245 18.62 13.17 -7.74
CA HIS A 245 19.65 13.84 -8.56
C HIS A 245 19.67 15.36 -8.28
N LEU A 246 18.49 15.96 -8.05
CA LEU A 246 18.36 17.40 -7.75
C LEU A 246 18.72 17.78 -6.33
N HIS A 247 18.34 16.95 -5.33
CA HIS A 247 18.58 17.25 -3.91
C HIS A 247 19.16 16.02 -3.19
N PRO A 248 20.39 15.58 -3.56
CA PRO A 248 20.95 14.36 -2.94
C PRO A 248 21.15 14.39 -1.44
N ILE A 249 21.50 15.57 -0.89
CA ILE A 249 21.72 15.70 0.54
C ILE A 249 20.39 15.66 1.27
N VAL A 250 19.29 16.13 0.62
CA VAL A 250 17.98 16.04 1.28
C VAL A 250 17.69 14.55 1.49
N VAL A 251 17.87 13.74 0.45
CA VAL A 251 17.61 12.30 0.55
C VAL A 251 18.51 11.67 1.61
N GLN A 252 19.81 11.93 1.53
CA GLN A 252 20.75 11.35 2.49
C GLN A 252 20.48 11.75 3.96
N ALA A 253 20.27 13.03 4.22
CA ALA A 253 20.12 13.55 5.57
C ALA A 253 18.70 13.52 6.11
N ALA A 254 17.68 13.66 5.22
CA ALA A 254 16.31 13.87 5.69
C ALA A 254 15.24 12.89 5.26
N PHE A 255 15.58 11.85 4.47
CA PHE A 255 14.53 10.88 4.11
C PHE A 255 14.56 9.77 5.15
N PRO A 256 13.43 9.13 5.44
CA PRO A 256 13.44 8.06 6.44
C PRO A 256 14.31 6.90 5.99
N PRO A 257 15.05 6.29 6.92
CA PRO A 257 15.90 5.15 6.54
C PRO A 257 15.12 3.97 5.93
N LEU A 258 13.91 3.66 6.41
CA LEU A 258 13.13 2.55 5.80
C LEU A 258 12.77 2.86 4.33
N TYR A 259 12.42 4.11 4.04
CA TYR A 259 12.08 4.57 2.70
C TYR A 259 13.30 4.37 1.77
N LYS A 260 14.50 4.72 2.24
CA LYS A 260 15.71 4.55 1.42
C LYS A 260 16.02 3.07 1.20
N GLU A 261 15.77 2.22 2.22
CA GLU A 261 15.99 0.79 2.10
C GLU A 261 15.11 0.17 1.01
N LEU A 262 13.86 0.61 0.93
CA LEU A 262 12.93 0.06 -0.05
C LEU A 262 13.05 0.66 -1.44
N PHE A 263 13.37 1.94 -1.55
CA PHE A 263 13.31 2.60 -2.84
C PHE A 263 14.58 3.18 -3.44
N SER A 264 15.64 3.32 -2.62
CA SER A 264 16.91 3.86 -3.12
C SER A 264 17.99 2.76 -3.13
N GLY A 265 17.74 1.68 -2.39
CA GLY A 265 18.69 0.58 -2.22
C GLY A 265 19.61 0.82 -1.03
N GLY A 266 19.06 1.38 0.04
CA GLY A 266 19.78 1.68 1.27
C GLY A 266 20.16 3.13 1.42
N LYS B 1 19.00 -3.13 6.68
CA LYS B 1 19.11 -2.91 8.12
C LYS B 1 17.74 -2.78 8.80
N ILE B 2 16.94 -1.76 8.40
CA ILE B 2 15.63 -1.51 9.03
C ILE B 2 14.67 -2.68 8.92
N LEU B 3 14.48 -3.18 7.70
CA LEU B 3 13.56 -4.28 7.46
C LEU B 3 13.89 -5.50 8.32
N HIS B 4 15.18 -5.88 8.40
CA HIS B 4 15.63 -7.02 9.23
C HIS B 4 15.24 -6.80 10.70
N ARG B 5 15.42 -5.57 11.22
CA ARG B 5 15.12 -5.19 12.60
C ARG B 5 13.62 -5.33 12.87
N LEU B 6 12.78 -4.76 11.98
CA LEU B 6 11.32 -4.84 12.13
C LEU B 6 10.83 -6.27 12.14
N LEU B 7 11.38 -7.12 11.28
CA LEU B 7 10.98 -8.51 11.18
C LEU B 7 11.43 -9.35 12.37
N GLN B 8 12.55 -8.97 13.01
CA GLN B 8 13.14 -9.63 14.19
C GLN B 8 12.48 -9.17 15.50
N ASP B 9 12.04 -7.90 15.59
CA ASP B 9 11.44 -7.35 16.80
C ASP B 9 10.09 -7.99 17.19
N SER B 10 10.14 -8.97 18.11
CA SER B 10 8.98 -9.68 18.64
C SER B 10 8.73 -9.31 20.11
C1 6VD C . -7.52 0.39 -11.06
C2 6VD C . -8.57 -0.30 -10.49
C3 6VD C . -7.07 0.07 -12.32
C4 6VD C . -9.21 -1.30 -11.17
C5 6VD C . -7.72 -0.95 -12.99
C6 6VD C . -8.79 -1.64 -12.44
C7 6VD C . -7.95 -2.40 -15.05
C8 6VD C . -7.25 -1.30 -14.34
C9 6VD C . -8.98 -2.99 -14.41
C10 6VD C . -10.99 -3.71 -15.68
C11 6VD C . -9.68 -4.13 -15.09
N12 6VD C . -9.42 -2.68 -13.15
O13 6VD C . -6.29 -0.72 -14.83
NA NA D . -12.46 5.56 -1.63
#